data_4G86
#
_entry.id   4G86
#
_cell.length_a   47.247
_cell.length_b   126.354
_cell.length_c   56.383
_cell.angle_alpha   90.00
_cell.angle_beta   114.36
_cell.angle_gamma   90.00
#
_symmetry.space_group_name_H-M   'P 1 21 1'
#
loop_
_entity.id
_entity.type
_entity.pdbx_description
1 polymer 'Circadian clock protein kaiA'
2 non-polymer 2,5-DIBROMO-3-ISOPROPYL-6-METHYLBENZO-1,4-QUINONE
3 non-polymer 'PENTAETHYLENE GLYCOL'
4 non-polymer 'NONAETHYLENE GLYCOL'
5 non-polymer GLYCEROL
6 water water
#
_entity_poly.entity_id   1
_entity_poly.type   'polypeptide(L)'
_entity_poly.pdbx_seq_one_letter_code
;VLSQIAICIWVESTAILQDCQRALSADRYQLQVCESGEMLLEYAQTHRDQIDCLILVAANPSFRAVVQQLCFEGVVVPAI
VVGDRDSEDPDEPAKEQLYHSAELHLGIHQLEQLPYQVDAALAEFLRLAPVETMADHIMLMGANHDPELSSQQRDLAQRL
QERLGYLGVYYKRDPDRFLRNLPAYESQKLHQAMQTSYREIVLSYFSPNSNLNQSIDNFVNMAFFADVPVTKVVEIHMEL
MDEFAKKLRVEGRSEDILLDYRLTLIDVIAHLCEMYRRSIPRET
;
_entity_poly.pdbx_strand_id   A,B
#
loop_
_chem_comp.id
_chem_comp.type
_chem_comp.name
_chem_comp.formula
1PE non-polymer 'PENTAETHYLENE GLYCOL' 'C10 H22 O6'
2PE non-polymer 'NONAETHYLENE GLYCOL' 'C18 H38 O10'
BNT non-polymer 2,5-DIBROMO-3-ISOPROPYL-6-METHYLBENZO-1,4-QUINONE 'C10 H10 Br2 O2'
GOL non-polymer GLYCEROL 'C3 H8 O3'
#
# COMPACT_ATOMS: atom_id res chain seq x y z
N VAL A 1 23.43 -12.63 -6.01
CA VAL A 1 22.68 -13.51 -6.90
C VAL A 1 21.57 -12.70 -7.57
N LEU A 2 21.59 -11.39 -7.34
CA LEU A 2 20.61 -10.46 -7.91
C LEU A 2 20.68 -10.42 -9.43
N SER A 3 19.54 -10.22 -10.06
CA SER A 3 19.45 -10.14 -11.51
C SER A 3 20.22 -8.94 -12.05
N GLN A 4 21.08 -9.17 -13.03
CA GLN A 4 21.85 -8.09 -13.65
C GLN A 4 20.94 -7.14 -14.42
N ILE A 5 21.22 -5.85 -14.30
CA ILE A 5 20.46 -4.83 -15.02
C ILE A 5 21.36 -4.07 -15.99
N ALA A 6 20.99 -4.08 -17.27
CA ALA A 6 21.78 -3.42 -18.30
C ALA A 6 21.38 -1.96 -18.43
N ILE A 7 22.29 -1.06 -18.09
CA ILE A 7 22.02 0.37 -18.19
C ILE A 7 22.81 0.97 -19.34
N CYS A 8 22.13 1.74 -20.19
CA CYS A 8 22.84 2.51 -21.22
C CYS A 8 22.63 3.99 -20.96
N ILE A 9 23.72 4.71 -20.78
CA ILE A 9 23.67 6.12 -20.38
C ILE A 9 24.22 7.04 -21.46
N TRP A 10 23.37 7.89 -22.01
CA TRP A 10 23.85 8.95 -22.89
C TRP A 10 24.09 10.23 -22.10
N VAL A 11 25.37 10.48 -21.86
CA VAL A 11 25.86 11.58 -21.04
C VAL A 11 27.13 12.14 -21.66
N GLU A 12 27.25 13.47 -21.66
CA GLU A 12 28.44 14.12 -22.19
C GLU A 12 28.98 15.12 -21.17
N SER A 13 28.71 14.83 -19.90
CA SER A 13 29.20 15.61 -18.78
C SER A 13 29.91 14.71 -17.77
N THR A 14 31.15 15.07 -17.44
CA THR A 14 31.93 14.30 -16.48
C THR A 14 31.27 14.22 -15.11
N ALA A 15 30.70 15.34 -14.66
CA ALA A 15 30.02 15.40 -13.37
C ALA A 15 28.85 14.41 -13.31
N ILE A 16 27.97 14.50 -14.30
CA ILE A 16 26.79 13.63 -14.39
C ILE A 16 27.17 12.16 -14.47
N LEU A 17 28.11 11.84 -15.37
CA LEU A 17 28.62 10.48 -15.51
C LEU A 17 29.14 9.94 -14.18
N GLN A 18 29.91 10.78 -13.48
CA GLN A 18 30.44 10.41 -12.17
C GLN A 18 29.33 10.11 -11.17
N ASP A 19 28.35 11.00 -11.06
CA ASP A 19 27.22 10.77 -10.17
C ASP A 19 26.53 9.44 -10.50
N CYS A 20 26.31 9.19 -11.79
CA CYS A 20 25.67 7.95 -12.23
C CYS A 20 26.49 6.71 -11.86
N GLN A 21 27.79 6.75 -12.11
CA GLN A 21 28.66 5.63 -11.79
C GLN A 21 28.71 5.36 -10.28
N ARG A 22 28.71 6.42 -9.48
CA ARG A 22 28.71 6.28 -8.03
C ARG A 22 27.41 5.66 -7.54
N ALA A 23 26.28 6.17 -8.00
CA ALA A 23 24.98 5.68 -7.53
C ALA A 23 24.67 4.25 -7.98
N LEU A 24 25.16 3.88 -9.15
CA LEU A 24 24.90 2.55 -9.69
C LEU A 24 26.17 1.69 -9.65
N SER A 25 26.95 1.86 -8.59
CA SER A 25 28.26 1.22 -8.49
C SER A 25 28.16 -0.27 -8.21
N ALA A 26 27.02 -0.70 -7.65
CA ALA A 26 26.81 -2.11 -7.31
C ALA A 26 27.03 -3.04 -8.51
N ASP A 27 27.42 -4.27 -8.23
CA ASP A 27 27.83 -5.20 -9.28
C ASP A 27 26.72 -5.61 -10.25
N ARG A 28 25.46 -5.52 -9.81
CA ARG A 28 24.36 -5.94 -10.66
C ARG A 28 24.12 -4.98 -11.83
N TYR A 29 24.54 -3.74 -11.67
CA TYR A 29 24.37 -2.74 -12.72
C TYR A 29 25.51 -2.79 -13.72
N GLN A 30 25.18 -3.10 -14.96
CA GLN A 30 26.18 -3.14 -16.01
C GLN A 30 26.05 -1.90 -16.87
N LEU A 31 27.04 -1.02 -16.75
CA LEU A 31 26.96 0.30 -17.36
C LEU A 31 27.63 0.37 -18.73
N GLN A 32 26.87 0.84 -19.71
CA GLN A 32 27.40 1.15 -21.02
C GLN A 32 27.28 2.65 -21.22
N VAL A 33 28.41 3.31 -21.46
CA VAL A 33 28.40 4.76 -21.62
C VAL A 33 28.51 5.20 -23.07
N CYS A 34 27.53 5.97 -23.52
CA CYS A 34 27.54 6.53 -24.87
C CYS A 34 27.81 8.03 -24.77
N GLU A 35 28.81 8.49 -25.51
CA GLU A 35 29.31 9.85 -25.32
C GLU A 35 28.95 10.77 -26.48
N SER A 36 28.05 10.30 -27.33
CA SER A 36 27.52 11.10 -28.43
C SER A 36 26.19 10.52 -28.92
N GLY A 37 25.43 11.33 -29.65
CA GLY A 37 24.16 10.90 -30.20
C GLY A 37 24.33 9.78 -31.21
N GLU A 38 25.39 9.87 -32.03
CA GLU A 38 25.70 8.84 -33.01
C GLU A 38 25.96 7.50 -32.34
N MET A 39 26.90 7.51 -31.39
CA MET A 39 27.26 6.30 -30.66
C MET A 39 26.02 5.69 -29.99
N LEU A 40 25.17 6.54 -29.43
CA LEU A 40 23.95 6.09 -28.79
C LEU A 40 23.02 5.41 -29.80
N LEU A 41 22.79 6.06 -30.94
CA LEU A 41 21.89 5.49 -31.94
C LEU A 41 22.38 4.15 -32.46
N GLU A 42 23.66 4.07 -32.78
CA GLU A 42 24.23 2.81 -33.27
C GLU A 42 24.23 1.69 -32.22
N TYR A 43 24.66 2.00 -31.00
CA TYR A 43 24.67 1.01 -29.93
C TYR A 43 23.25 0.51 -29.67
N ALA A 44 22.32 1.46 -29.57
CA ALA A 44 20.92 1.16 -29.33
C ALA A 44 20.36 0.28 -30.44
N GLN A 45 20.76 0.53 -31.68
CA GLN A 45 20.27 -0.29 -32.78
C GLN A 45 20.88 -1.70 -32.79
N THR A 46 22.19 -1.81 -32.55
CA THR A 46 22.83 -3.13 -32.57
C THR A 46 22.62 -3.92 -31.27
N HIS A 47 22.20 -3.23 -30.22
CA HIS A 47 21.95 -3.88 -28.93
C HIS A 47 20.53 -3.63 -28.44
N ARG A 48 19.55 -3.69 -29.35
CA ARG A 48 18.17 -3.36 -28.98
C ARG A 48 17.58 -4.30 -27.94
N ASP A 49 18.17 -5.49 -27.80
CA ASP A 49 17.66 -6.49 -26.85
C ASP A 49 18.60 -6.69 -25.67
N GLN A 50 19.55 -5.79 -25.50
CA GLN A 50 20.50 -5.86 -24.38
C GLN A 50 20.48 -4.60 -23.54
N ILE A 51 19.40 -3.84 -23.64
CA ILE A 51 19.23 -2.62 -22.85
C ILE A 51 17.98 -2.75 -21.99
N ASP A 52 18.18 -2.74 -20.68
CA ASP A 52 17.07 -2.83 -19.75
C ASP A 52 16.57 -1.44 -19.39
N CYS A 53 17.49 -0.49 -19.29
CA CYS A 53 17.12 0.89 -19.00
C CYS A 53 18.06 1.89 -19.66
N LEU A 54 17.47 2.90 -20.27
CA LEU A 54 18.22 4.04 -20.81
C LEU A 54 18.22 5.16 -19.79
N ILE A 55 19.31 5.91 -19.75
CA ILE A 55 19.39 7.14 -18.99
C ILE A 55 19.89 8.20 -19.95
N LEU A 56 19.05 9.21 -20.20
CA LEU A 56 19.36 10.20 -21.23
C LEU A 56 19.48 11.58 -20.62
N VAL A 57 20.61 12.24 -20.84
CA VAL A 57 20.72 13.63 -20.38
C VAL A 57 20.03 14.57 -21.36
N ALA A 58 19.01 15.26 -20.89
CA ALA A 58 18.15 16.08 -21.75
C ALA A 58 18.87 17.28 -22.38
N ALA A 59 19.99 17.69 -21.77
CA ALA A 59 20.72 18.87 -22.23
C ALA A 59 21.65 18.56 -23.40
N ASN A 60 21.84 17.27 -23.68
CA ASN A 60 22.75 16.83 -24.73
C ASN A 60 22.40 17.42 -26.10
N PRO A 61 23.44 17.66 -26.92
CA PRO A 61 23.28 18.21 -28.28
C PRO A 61 22.31 17.40 -29.13
N SER A 62 21.40 18.10 -29.82
CA SER A 62 20.43 17.48 -30.72
C SER A 62 19.64 16.37 -30.06
N PHE A 63 19.25 16.62 -28.81
CA PHE A 63 18.56 15.63 -27.99
C PHE A 63 17.25 15.12 -28.62
N ARG A 64 16.40 16.05 -29.04
CA ARG A 64 15.12 15.71 -29.66
C ARG A 64 15.31 14.89 -30.93
N ALA A 65 16.22 15.31 -31.79
CA ALA A 65 16.50 14.60 -33.04
C ALA A 65 16.88 13.15 -32.76
N VAL A 66 17.77 12.98 -31.79
CA VAL A 66 18.23 11.66 -31.38
C VAL A 66 17.08 10.78 -30.87
N VAL A 67 16.26 11.31 -29.97
CA VAL A 67 15.12 10.55 -29.46
C VAL A 67 14.12 10.16 -30.56
N GLN A 68 13.82 11.11 -31.44
CA GLN A 68 12.98 10.86 -32.60
C GLN A 68 13.56 9.74 -33.45
N GLN A 69 14.87 9.75 -33.65
CA GLN A 69 15.52 8.67 -34.41
C GLN A 69 15.42 7.35 -33.67
N LEU A 70 15.52 7.40 -32.34
CA LEU A 70 15.39 6.23 -31.49
C LEU A 70 14.04 5.58 -31.76
N CYS A 71 13.00 6.42 -31.85
CA CYS A 71 11.65 5.92 -32.14
C CYS A 71 11.54 5.37 -33.55
N PHE A 72 12.04 6.11 -34.53
CA PHE A 72 12.00 5.70 -35.94
C PHE A 72 12.63 4.32 -36.16
N GLU A 73 13.70 4.03 -35.42
CA GLU A 73 14.40 2.75 -35.56
C GLU A 73 13.88 1.68 -34.59
N GLY A 74 12.78 1.98 -33.91
CA GLY A 74 12.07 0.98 -33.14
C GLY A 74 12.62 0.67 -31.77
N VAL A 75 13.44 1.57 -31.23
CA VAL A 75 14.03 1.35 -29.91
C VAL A 75 13.20 2.02 -28.82
N VAL A 76 12.39 1.21 -28.14
CA VAL A 76 11.54 1.68 -27.06
C VAL A 76 11.78 0.85 -25.80
N VAL A 77 12.56 1.41 -24.87
CA VAL A 77 12.94 0.70 -23.66
C VAL A 77 12.64 1.58 -22.45
N PRO A 78 12.61 0.99 -21.24
CA PRO A 78 12.42 1.81 -20.02
C PRO A 78 13.47 2.92 -19.96
N ALA A 79 13.10 4.10 -19.46
CA ALA A 79 14.02 5.23 -19.52
C ALA A 79 13.87 6.23 -18.39
N ILE A 80 15.00 6.86 -18.05
CA ILE A 80 15.02 8.00 -17.17
C ILE A 80 15.66 9.15 -17.91
N VAL A 81 14.91 10.25 -18.06
CA VAL A 81 15.45 11.46 -18.66
C VAL A 81 16.03 12.32 -17.54
N VAL A 82 17.26 12.78 -17.71
CA VAL A 82 17.91 13.56 -16.66
C VAL A 82 17.97 15.05 -16.97
N GLY A 83 17.56 15.87 -16.00
CA GLY A 83 17.60 17.31 -16.16
C GLY A 83 16.62 17.79 -17.22
N ASP A 84 16.76 19.03 -17.65
CA ASP A 84 15.91 19.54 -18.71
C ASP A 84 16.76 19.89 -19.91
N ARG A 85 16.14 20.21 -21.03
CA ARG A 85 16.88 20.52 -22.25
C ARG A 85 17.75 21.77 -22.13
N ASP A 86 17.63 22.49 -21.01
CA ASP A 86 18.43 23.67 -20.74
C ASP A 86 18.22 24.81 -21.72
N SER A 87 17.65 24.47 -22.88
CA SER A 87 17.41 25.41 -23.97
C SER A 87 16.84 26.72 -23.42
N GLU A 88 15.88 26.61 -22.50
CA GLU A 88 15.43 27.73 -21.66
C GLU A 88 14.47 27.30 -20.55
N ASP A 89 14.89 27.28 -19.27
CA ASP A 89 16.27 27.39 -18.79
C ASP A 89 16.47 26.74 -17.39
N PRO A 90 15.99 25.50 -17.16
CA PRO A 90 16.59 24.93 -15.95
C PRO A 90 17.35 23.63 -16.22
N ASP A 91 18.31 23.28 -15.36
CA ASP A 91 18.99 22.00 -15.47
C ASP A 91 18.45 20.97 -14.47
N GLU A 92 17.17 21.06 -14.15
CA GLU A 92 16.56 20.16 -13.17
C GLU A 92 15.20 19.56 -13.57
N PRO A 93 14.13 20.38 -13.62
CA PRO A 93 12.82 19.72 -13.63
C PRO A 93 12.16 19.75 -15.01
N ALA A 94 12.05 18.60 -15.65
CA ALA A 94 11.44 18.52 -16.97
C ALA A 94 9.92 18.41 -16.87
N LYS A 95 9.24 19.30 -17.56
CA LYS A 95 7.80 19.49 -17.42
C LYS A 95 6.98 18.59 -18.35
N GLU A 96 7.59 18.15 -19.45
CA GLU A 96 6.89 17.35 -20.44
C GLU A 96 7.62 16.05 -20.77
N GLN A 97 6.89 15.07 -21.28
CA GLN A 97 7.48 13.81 -21.72
C GLN A 97 7.94 13.93 -23.17
N LEU A 98 9.11 13.38 -23.46
CA LEU A 98 9.76 13.59 -24.76
C LEU A 98 10.25 12.32 -25.44
N TYR A 99 10.18 11.20 -24.74
CA TYR A 99 10.60 9.91 -25.28
C TYR A 99 9.41 8.97 -25.32
N HIS A 100 8.87 8.62 -24.16
CA HIS A 100 7.65 7.83 -24.09
C HIS A 100 6.88 8.00 -22.78
N SER A 101 5.70 7.38 -22.71
CA SER A 101 4.76 7.61 -21.62
C SER A 101 5.14 6.95 -20.30
N ALA A 102 6.18 6.13 -20.33
CA ALA A 102 6.59 5.40 -19.12
C ALA A 102 7.92 5.93 -18.56
N GLU A 103 8.41 7.02 -19.14
CA GLU A 103 9.70 7.57 -18.75
C GLU A 103 9.64 8.28 -17.40
N LEU A 104 10.77 8.29 -16.70
CA LEU A 104 10.88 9.01 -15.43
C LEU A 104 11.77 10.23 -15.59
N HIS A 105 11.47 11.28 -14.84
CA HIS A 105 12.28 12.49 -14.85
C HIS A 105 13.03 12.65 -13.53
N LEU A 106 14.34 12.82 -13.63
CA LEU A 106 15.21 13.03 -12.48
C LEU A 106 16.00 14.31 -12.66
N GLY A 107 16.17 15.09 -11.60
CA GLY A 107 17.01 16.26 -11.66
C GLY A 107 18.47 15.85 -11.60
N ILE A 108 19.38 16.69 -12.10
CA ILE A 108 20.79 16.33 -12.13
C ILE A 108 21.41 16.27 -10.73
N HIS A 109 20.70 16.80 -9.73
CA HIS A 109 21.18 16.74 -8.35
C HIS A 109 20.52 15.61 -7.57
N GLN A 110 19.67 14.83 -8.25
CA GLN A 110 18.93 13.75 -7.60
C GLN A 110 19.42 12.37 -8.02
N LEU A 111 20.60 12.30 -8.61
CA LEU A 111 21.10 11.04 -9.17
C LEU A 111 21.46 10.00 -8.11
N GLU A 112 21.67 10.43 -6.88
CA GLU A 112 22.00 9.51 -5.80
C GLU A 112 20.86 8.53 -5.53
N GLN A 113 19.68 8.87 -6.02
CA GLN A 113 18.49 8.02 -5.86
C GLN A 113 18.41 6.93 -6.92
N LEU A 114 19.37 6.92 -7.84
CA LEU A 114 19.28 6.08 -9.05
C LEU A 114 18.83 4.61 -8.92
N PRO A 115 19.36 3.86 -7.94
CA PRO A 115 18.93 2.45 -7.84
C PRO A 115 17.42 2.28 -7.64
N TYR A 116 16.81 3.16 -6.86
CA TYR A 116 15.37 3.10 -6.62
C TYR A 116 14.60 3.61 -7.82
N GLN A 117 15.09 4.67 -8.44
CA GLN A 117 14.41 5.26 -9.58
C GLN A 117 14.54 4.38 -10.82
N VAL A 118 15.61 3.59 -10.88
CA VAL A 118 15.77 2.62 -11.96
C VAL A 118 14.75 1.51 -11.81
N ASP A 119 14.58 1.04 -10.58
CA ASP A 119 13.53 0.07 -10.26
C ASP A 119 12.18 0.62 -10.67
N ALA A 120 11.94 1.88 -10.34
CA ALA A 120 10.69 2.56 -10.67
C ALA A 120 10.47 2.62 -12.18
N ALA A 121 11.54 2.93 -12.91
CA ALA A 121 11.45 3.07 -14.36
C ALA A 121 11.16 1.74 -15.04
N LEU A 122 11.80 0.67 -14.55
CA LEU A 122 11.56 -0.66 -15.07
C LEU A 122 10.13 -1.09 -14.80
N ALA A 123 9.71 -0.91 -13.55
CA ALA A 123 8.37 -1.27 -13.11
C ALA A 123 7.29 -0.51 -13.88
N GLU A 124 7.49 0.81 -14.02
CA GLU A 124 6.52 1.64 -14.73
C GLU A 124 6.40 1.24 -16.19
N PHE A 125 7.50 0.74 -16.77
CA PHE A 125 7.47 0.25 -18.13
C PHE A 125 6.69 -1.06 -18.20
N LEU A 126 6.94 -1.95 -17.24
CA LEU A 126 6.24 -3.22 -17.17
C LEU A 126 4.74 -3.00 -16.97
N ARG A 127 4.39 -1.90 -16.31
CA ARG A 127 3.00 -1.59 -16.00
C ARG A 127 2.23 -1.01 -17.19
N LEU A 128 2.92 -0.25 -18.03
CA LEU A 128 2.27 0.45 -19.13
C LEU A 128 2.54 -0.15 -20.51
N ALA A 129 3.38 -1.19 -20.56
CA ALA A 129 3.74 -1.83 -21.82
C ALA A 129 2.50 -2.46 -22.47
N PRO A 130 2.29 -2.18 -23.78
CA PRO A 130 3.17 -1.43 -24.67
C PRO A 130 2.99 0.07 -24.51
N VAL A 131 4.08 0.77 -24.24
CA VAL A 131 4.00 2.19 -23.91
C VAL A 131 3.74 3.09 -25.11
N GLU A 132 3.32 4.31 -24.82
CA GLU A 132 2.98 5.29 -25.83
C GLU A 132 4.20 6.13 -26.17
N THR A 133 4.71 5.90 -27.37
CA THR A 133 5.75 6.72 -27.95
C THR A 133 5.25 8.15 -28.07
N MET A 134 6.02 9.11 -27.59
CA MET A 134 5.65 10.50 -27.74
C MET A 134 5.78 10.89 -29.20
N ALA A 135 6.92 10.59 -29.78
CA ALA A 135 7.15 10.80 -31.20
C ALA A 135 6.51 9.69 -32.01
N ASP A 136 5.17 9.67 -32.03
CA ASP A 136 4.38 8.82 -32.93
C ASP A 136 2.89 9.17 -32.91
N HIS A 137 2.40 9.66 -31.77
CA HIS A 137 0.98 9.94 -31.63
C HIS A 137 0.68 11.43 -31.55
N ILE A 138 -0.44 11.83 -32.14
CA ILE A 138 -0.94 13.19 -32.08
C ILE A 138 -2.43 13.08 -31.98
N MET A 139 -2.89 11.84 -31.94
CA MET A 139 -4.30 11.54 -31.95
C MET A 139 -4.64 10.82 -30.66
N LEU A 140 -5.83 10.24 -30.63
CA LEU A 140 -6.27 9.51 -29.45
C LEU A 140 -6.07 8.00 -29.65
N MET A 141 -5.20 7.66 -30.61
CA MET A 141 -4.81 6.28 -30.92
C MET A 141 -3.79 6.21 -32.05
N GLY A 142 -2.52 6.11 -31.69
CA GLY A 142 -1.47 5.81 -32.64
C GLY A 142 -1.75 4.47 -33.30
N ALA A 143 -1.53 3.32 -32.63
CA ALA A 143 -0.68 3.09 -31.45
C ALA A 143 -0.57 1.58 -31.22
N ASN A 144 -1.71 0.97 -30.86
CA ASN A 144 -1.76 -0.46 -30.54
C ASN A 144 -1.65 -1.35 -31.77
N HIS A 145 -0.56 -2.12 -31.82
CA HIS A 145 -0.21 -2.93 -32.99
C HIS A 145 -0.23 -2.13 -34.29
N ASP A 146 0.02 -0.82 -34.14
CA ASP A 146 0.38 0.06 -35.23
C ASP A 146 1.68 0.73 -34.80
N PRO A 147 2.82 0.13 -35.17
CA PRO A 147 2.96 -1.13 -35.92
C PRO A 147 2.80 -2.38 -35.06
N GLU A 148 2.30 -3.45 -35.67
CA GLU A 148 2.21 -4.75 -35.03
C GLU A 148 3.61 -5.18 -34.63
N LEU A 149 4.57 -4.84 -35.50
CA LEU A 149 5.96 -5.21 -35.31
C LEU A 149 6.55 -4.57 -34.06
N SER A 150 5.80 -3.68 -33.42
CA SER A 150 6.20 -3.13 -32.15
C SER A 150 5.57 -3.95 -31.02
N SER A 151 5.49 -5.26 -31.25
CA SER A 151 5.18 -6.21 -30.18
C SER A 151 6.49 -6.57 -29.53
N GLN A 152 7.56 -6.05 -30.12
CA GLN A 152 8.90 -6.06 -29.55
C GLN A 152 8.76 -5.76 -28.06
N GLN A 153 8.12 -4.64 -27.77
CA GLN A 153 7.80 -4.22 -26.41
C GLN A 153 7.34 -5.38 -25.54
N ARG A 154 6.24 -6.00 -25.92
CA ARG A 154 5.70 -7.11 -25.13
C ARG A 154 6.77 -8.16 -24.86
N ASP A 155 7.50 -8.57 -25.90
CA ASP A 155 8.59 -9.51 -25.71
C ASP A 155 9.57 -8.99 -24.67
N LEU A 156 10.06 -7.76 -24.88
CA LEU A 156 10.93 -7.10 -23.91
C LEU A 156 10.34 -7.23 -22.51
N ALA A 157 9.07 -6.90 -22.39
CA ALA A 157 8.37 -6.93 -21.11
C ALA A 157 8.52 -8.32 -20.50
N GLN A 158 8.13 -9.33 -21.27
CA GLN A 158 8.14 -10.70 -20.78
C GLN A 158 9.55 -11.13 -20.44
N ARG A 159 10.53 -10.53 -21.10
CA ARG A 159 11.92 -10.85 -20.85
C ARG A 159 12.38 -10.21 -19.55
N LEU A 160 11.86 -9.02 -19.26
CA LEU A 160 12.21 -8.32 -18.03
C LEU A 160 11.59 -8.98 -16.80
N GLN A 161 10.33 -9.38 -16.91
CA GLN A 161 9.61 -9.98 -15.80
C GLN A 161 10.22 -11.28 -15.29
N GLU A 162 10.91 -12.01 -16.18
CA GLU A 162 11.54 -13.26 -15.78
C GLU A 162 12.75 -12.99 -14.88
N ARG A 163 13.23 -11.75 -14.90
CA ARG A 163 14.39 -11.37 -14.11
C ARG A 163 14.05 -10.36 -13.03
N LEU A 164 12.93 -9.69 -13.20
CA LEU A 164 12.55 -8.61 -12.28
C LEU A 164 11.18 -8.84 -11.65
N GLY A 165 10.57 -9.99 -11.94
CA GLY A 165 9.28 -10.32 -11.37
C GLY A 165 9.32 -11.65 -10.66
N TYR A 166 8.44 -11.81 -9.67
CA TYR A 166 8.34 -13.06 -8.94
C TYR A 166 6.89 -13.38 -8.60
N LEU A 167 6.61 -14.65 -8.28
CA LEU A 167 5.27 -15.08 -7.94
C LEU A 167 5.07 -15.17 -6.42
N GLY A 168 3.92 -14.71 -5.96
CA GLY A 168 3.60 -14.74 -4.55
C GLY A 168 2.10 -14.91 -4.32
N VAL A 169 1.74 -15.32 -3.12
CA VAL A 169 0.33 -15.56 -2.79
C VAL A 169 -0.35 -14.30 -2.27
N TYR A 170 -1.53 -14.01 -2.81
CA TYR A 170 -2.34 -12.89 -2.34
C TYR A 170 -3.70 -13.43 -1.94
N TYR A 171 -4.29 -12.86 -0.90
CA TYR A 171 -5.66 -13.21 -0.54
C TYR A 171 -6.58 -12.80 -1.68
N LYS A 172 -7.41 -13.72 -2.16
CA LYS A 172 -8.34 -13.40 -3.23
C LYS A 172 -9.58 -12.67 -2.73
N ARG A 173 -9.53 -11.34 -2.79
CA ARG A 173 -10.69 -10.52 -2.47
C ARG A 173 -11.77 -10.79 -3.51
N ASP A 174 -13.02 -10.62 -3.13
CA ASP A 174 -14.13 -10.87 -4.03
C ASP A 174 -14.42 -9.64 -4.87
N PRO A 175 -14.13 -9.72 -6.19
CA PRO A 175 -14.32 -8.59 -7.11
C PRO A 175 -15.76 -8.12 -7.15
N ASP A 176 -16.69 -9.07 -7.03
CA ASP A 176 -18.11 -8.75 -7.04
C ASP A 176 -18.54 -8.00 -5.79
N ARG A 177 -17.66 -7.96 -4.79
CA ARG A 177 -17.94 -7.24 -3.56
C ARG A 177 -17.13 -5.95 -3.45
N PHE A 178 -16.34 -5.66 -4.49
CA PHE A 178 -15.70 -4.36 -4.60
C PHE A 178 -16.79 -3.30 -4.65
N LEU A 179 -16.50 -2.12 -4.12
CA LEU A 179 -17.49 -1.04 -4.07
C LEU A 179 -18.04 -0.68 -5.45
N ARG A 180 -17.17 -0.63 -6.45
CA ARG A 180 -17.55 -0.18 -7.77
C ARG A 180 -18.41 -1.20 -8.54
N ASN A 181 -18.29 -2.48 -8.18
CA ASN A 181 -18.99 -3.53 -8.91
C ASN A 181 -20.34 -3.93 -8.32
N LEU A 182 -20.65 -3.42 -7.13
CA LEU A 182 -21.91 -3.74 -6.47
C LEU A 182 -23.08 -3.06 -7.16
N PRO A 183 -24.27 -3.69 -7.12
CA PRO A 183 -25.50 -3.00 -7.51
C PRO A 183 -25.69 -1.78 -6.62
N ALA A 184 -26.36 -0.74 -7.13
CA ALA A 184 -26.46 0.54 -6.43
C ALA A 184 -27.09 0.44 -5.04
N TYR A 185 -27.86 -0.63 -4.82
CA TYR A 185 -28.49 -0.85 -3.52
C TYR A 185 -27.49 -1.38 -2.51
N GLU A 186 -26.76 -2.43 -2.88
CA GLU A 186 -25.68 -2.95 -2.05
C GLU A 186 -24.57 -1.92 -1.93
N SER A 187 -24.36 -1.15 -3.01
CA SER A 187 -23.41 -0.05 -3.01
C SER A 187 -23.81 0.98 -1.96
N GLN A 188 -25.09 1.33 -1.92
CA GLN A 188 -25.59 2.27 -0.92
C GLN A 188 -25.44 1.72 0.49
N LYS A 189 -25.81 0.46 0.69
CA LYS A 189 -25.66 -0.18 1.99
C LYS A 189 -24.21 -0.08 2.48
N LEU A 190 -23.27 -0.46 1.61
CA LEU A 190 -21.85 -0.42 1.96
C LEU A 190 -21.36 1.00 2.24
N HIS A 191 -21.73 1.94 1.37
CA HIS A 191 -21.36 3.34 1.54
C HIS A 191 -21.82 3.84 2.91
N GLN A 192 -23.07 3.54 3.24
CA GLN A 192 -23.66 3.92 4.52
C GLN A 192 -22.89 3.34 5.70
N ALA A 193 -22.55 2.05 5.61
CA ALA A 193 -21.81 1.41 6.69
C ALA A 193 -20.43 2.06 6.91
N MET A 194 -19.76 2.38 5.80
CA MET A 194 -18.46 3.05 5.86
C MET A 194 -18.57 4.46 6.42
N GLN A 195 -19.67 5.14 6.12
CA GLN A 195 -19.92 6.48 6.66
C GLN A 195 -20.11 6.44 8.16
N THR A 196 -20.91 5.47 8.61
CA THR A 196 -21.16 5.27 10.04
C THR A 196 -19.86 5.01 10.81
N SER A 197 -19.09 4.03 10.31
CA SER A 197 -17.76 3.72 10.83
C SER A 197 -16.89 4.98 10.94
N TYR A 198 -16.81 5.72 9.84
CA TYR A 198 -15.98 6.92 9.80
C TYR A 198 -16.45 7.97 10.80
N ARG A 199 -17.75 8.09 10.99
CA ARG A 199 -18.30 9.02 11.95
C ARG A 199 -17.83 8.65 13.35
N GLU A 200 -17.85 7.35 13.64
CA GLU A 200 -17.28 6.89 14.91
C GLU A 200 -15.82 7.34 15.03
N ILE A 201 -15.04 7.15 13.96
CA ILE A 201 -13.65 7.58 13.97
C ILE A 201 -13.50 9.08 14.29
N VAL A 202 -14.31 9.91 13.65
CA VAL A 202 -14.27 11.36 13.87
C VAL A 202 -14.63 11.74 15.30
N LEU A 203 -15.78 11.25 15.76
CA LEU A 203 -16.27 11.56 17.11
C LEU A 203 -15.28 11.11 18.19
N SER A 204 -14.63 9.98 17.97
CA SER A 204 -13.74 9.44 19.00
C SER A 204 -12.27 9.81 18.79
N TYR A 205 -11.96 10.57 17.73
CA TYR A 205 -10.57 10.83 17.39
C TYR A 205 -9.75 11.53 18.49
N PHE A 206 -10.21 12.68 18.95
CA PHE A 206 -9.47 13.43 19.96
C PHE A 206 -9.94 13.08 21.37
N SER A 207 -10.80 12.08 21.48
CA SER A 207 -11.28 11.60 22.77
C SER A 207 -10.25 10.64 23.36
N PRO A 208 -9.98 10.78 24.67
CA PRO A 208 -9.01 9.88 25.32
C PRO A 208 -9.60 8.50 25.58
N ASN A 209 -8.76 7.47 25.49
CA ASN A 209 -9.14 6.09 25.81
C ASN A 209 -10.23 5.47 24.94
N SER A 210 -10.75 6.23 23.99
CA SER A 210 -11.69 5.68 23.02
C SER A 210 -10.96 4.64 22.19
N ASN A 211 -11.66 3.59 21.75
CA ASN A 211 -11.01 2.58 20.94
C ASN A 211 -10.90 3.03 19.49
N LEU A 212 -10.09 4.06 19.27
CA LEU A 212 -9.89 4.64 17.95
C LEU A 212 -9.29 3.63 16.98
N ASN A 213 -8.39 2.79 17.49
CA ASN A 213 -7.68 1.83 16.66
C ASN A 213 -8.61 0.79 16.04
N GLN A 214 -9.51 0.24 16.85
CA GLN A 214 -10.46 -0.75 16.36
C GLN A 214 -11.38 -0.13 15.32
N SER A 215 -11.79 1.12 15.59
CA SER A 215 -12.66 1.88 14.69
C SER A 215 -12.01 2.03 13.32
N ILE A 216 -10.81 2.59 13.33
CA ILE A 216 -10.01 2.78 12.12
C ILE A 216 -9.77 1.48 11.38
N ASP A 217 -9.28 0.46 12.07
CA ASP A 217 -9.05 -0.86 11.48
C ASP A 217 -10.30 -1.43 10.82
N ASN A 218 -11.44 -1.26 11.48
CA ASN A 218 -12.75 -1.66 10.96
C ASN A 218 -12.98 -1.00 9.60
N PHE A 219 -13.01 0.33 9.61
CA PHE A 219 -13.17 1.12 8.40
C PHE A 219 -12.21 0.68 7.28
N VAL A 220 -10.91 0.67 7.58
CA VAL A 220 -9.87 0.29 6.63
C VAL A 220 -10.10 -1.11 6.07
N ASN A 221 -10.51 -2.04 6.92
CA ASN A 221 -10.83 -3.39 6.47
C ASN A 221 -11.89 -3.34 5.38
N MET A 222 -12.97 -2.63 5.66
CA MET A 222 -14.01 -2.45 4.65
C MET A 222 -13.45 -1.84 3.35
N ALA A 223 -12.65 -0.78 3.48
CA ALA A 223 -12.11 -0.09 2.30
C ALA A 223 -11.16 -0.94 1.45
N PHE A 224 -10.27 -1.69 2.11
CA PHE A 224 -9.31 -2.55 1.45
C PHE A 224 -10.04 -3.67 0.71
N PHE A 225 -10.88 -4.40 1.44
CA PHE A 225 -11.48 -5.58 0.82
C PHE A 225 -12.55 -5.27 -0.22
N ALA A 226 -13.08 -4.05 -0.19
CA ALA A 226 -13.98 -3.59 -1.24
C ALA A 226 -13.20 -2.78 -2.27
N ASP A 227 -11.89 -2.73 -2.10
CA ASP A 227 -10.96 -2.09 -3.04
C ASP A 227 -11.36 -0.67 -3.45
N VAL A 228 -11.71 0.15 -2.47
CA VAL A 228 -12.06 1.54 -2.77
C VAL A 228 -10.79 2.36 -2.99
N PRO A 229 -10.84 3.32 -3.91
CA PRO A 229 -9.70 4.22 -4.12
C PRO A 229 -9.64 5.24 -2.98
N VAL A 230 -8.52 5.94 -2.85
CA VAL A 230 -8.36 6.90 -1.76
C VAL A 230 -9.32 8.07 -1.91
N THR A 231 -9.63 8.42 -3.16
CA THR A 231 -10.59 9.47 -3.46
C THR A 231 -11.94 9.19 -2.80
N LYS A 232 -12.30 7.92 -2.69
CA LYS A 232 -13.54 7.51 -2.03
C LYS A 232 -13.50 7.79 -0.53
N VAL A 233 -12.36 7.51 0.09
CA VAL A 233 -12.19 7.78 1.52
C VAL A 233 -12.24 9.27 1.80
N VAL A 234 -11.57 10.05 0.94
CA VAL A 234 -11.64 11.51 1.03
C VAL A 234 -13.08 11.99 0.91
N GLU A 235 -13.79 11.43 -0.06
CA GLU A 235 -15.21 11.69 -0.29
C GLU A 235 -16.02 11.50 0.98
N ILE A 236 -15.90 10.31 1.58
CA ILE A 236 -16.57 10.00 2.84
C ILE A 236 -16.24 11.03 3.93
N HIS A 237 -14.95 11.31 4.09
CA HIS A 237 -14.48 12.29 5.05
C HIS A 237 -15.20 13.63 4.89
N MET A 238 -15.32 14.10 3.65
CA MET A 238 -15.98 15.39 3.42
C MET A 238 -17.49 15.36 3.69
N GLU A 239 -18.13 14.26 3.31
CA GLU A 239 -19.54 14.06 3.66
C GLU A 239 -19.75 14.18 5.17
N LEU A 240 -18.82 13.64 5.96
CA LEU A 240 -18.94 13.74 7.42
C LEU A 240 -18.61 15.15 7.93
N MET A 241 -17.64 15.80 7.28
CA MET A 241 -17.23 17.15 7.67
C MET A 241 -18.35 18.17 7.48
N ASP A 242 -19.16 18.03 6.43
CA ASP A 242 -20.33 18.87 6.25
C ASP A 242 -21.24 18.83 7.49
N GLU A 243 -21.66 17.61 7.83
CA GLU A 243 -22.47 17.29 9.02
C GLU A 243 -21.92 17.98 10.27
N PHE A 244 -20.68 17.65 10.60
CA PHE A 244 -20.06 18.21 11.80
C PHE A 244 -19.99 19.75 11.77
N ALA A 245 -19.77 20.33 10.61
CA ALA A 245 -19.75 21.78 10.46
C ALA A 245 -21.10 22.36 10.85
N LYS A 246 -22.16 21.79 10.26
CA LYS A 246 -23.52 22.17 10.62
C LYS A 246 -23.71 22.13 12.13
N LYS A 247 -23.26 21.05 12.76
CA LYS A 247 -23.38 20.95 14.22
C LYS A 247 -22.65 22.08 14.94
N LEU A 248 -21.36 22.25 14.64
CA LEU A 248 -20.55 23.27 15.29
C LEU A 248 -21.17 24.65 15.18
N ARG A 249 -21.84 24.92 14.06
CA ARG A 249 -22.48 26.22 13.90
C ARG A 249 -23.67 26.42 14.84
N VAL A 250 -24.64 25.52 14.79
CA VAL A 250 -25.81 25.60 15.67
C VAL A 250 -25.43 25.19 17.10
N GLU A 251 -24.42 25.86 17.62
CA GLU A 251 -23.84 25.56 18.92
C GLU A 251 -22.87 26.68 19.24
N GLY A 252 -22.68 27.56 18.26
CA GLY A 252 -21.83 28.72 18.40
C GLY A 252 -20.34 28.42 18.34
N ARG A 253 -20.00 27.14 18.28
CA ARG A 253 -18.60 26.73 18.33
C ARG A 253 -17.83 27.14 17.08
N SER A 254 -16.53 27.39 17.25
CA SER A 254 -15.66 27.76 16.14
C SER A 254 -15.40 26.57 15.23
N GLU A 255 -15.29 26.85 13.93
CA GLU A 255 -15.17 25.79 12.93
C GLU A 255 -13.75 25.64 12.42
N ASP A 256 -12.81 26.33 13.07
CA ASP A 256 -11.40 26.19 12.74
C ASP A 256 -10.81 24.97 13.44
N ILE A 257 -11.69 24.20 14.08
CA ILE A 257 -11.30 22.93 14.68
C ILE A 257 -11.54 21.80 13.68
N LEU A 258 -12.34 22.06 12.65
CA LEU A 258 -12.54 21.13 11.56
C LEU A 258 -11.20 20.86 10.89
N LEU A 259 -10.35 21.88 10.91
CA LEU A 259 -8.99 21.78 10.40
C LEU A 259 -8.28 20.57 11.02
N ASP A 260 -8.37 20.45 12.33
CA ASP A 260 -7.74 19.35 13.05
C ASP A 260 -8.15 17.97 12.51
N TYR A 261 -9.34 17.88 11.91
CA TYR A 261 -9.77 16.58 11.42
C TYR A 261 -9.03 16.10 10.19
N ARG A 262 -8.25 16.98 9.57
CA ARG A 262 -7.32 16.56 8.54
C ARG A 262 -6.43 15.47 9.11
N LEU A 263 -6.00 15.67 10.36
CA LEU A 263 -5.19 14.67 11.05
C LEU A 263 -5.88 13.32 10.91
N THR A 264 -7.17 13.28 11.27
CA THR A 264 -7.97 12.06 11.16
C THR A 264 -7.80 11.44 9.79
N LEU A 265 -8.09 12.22 8.75
CA LEU A 265 -7.99 11.74 7.37
C LEU A 265 -6.65 11.08 7.15
N ILE A 266 -5.58 11.81 7.47
CA ILE A 266 -4.24 11.30 7.28
C ILE A 266 -4.15 9.94 7.95
N ASP A 267 -4.48 9.89 9.23
CA ASP A 267 -4.46 8.66 10.00
C ASP A 267 -5.06 7.55 9.16
N VAL A 268 -6.32 7.74 8.79
CA VAL A 268 -7.06 6.69 8.09
C VAL A 268 -6.33 6.26 6.84
N ILE A 269 -5.98 7.23 5.98
CA ILE A 269 -5.33 6.89 4.73
C ILE A 269 -4.05 6.11 5.01
N ALA A 270 -3.29 6.59 6.00
CA ALA A 270 -2.04 5.96 6.39
C ALA A 270 -2.30 4.48 6.64
N HIS A 271 -3.31 4.21 7.46
CA HIS A 271 -3.62 2.83 7.81
C HIS A 271 -3.87 2.03 6.55
N LEU A 272 -4.73 2.56 5.68
CA LEU A 272 -5.06 1.88 4.44
C LEU A 272 -3.76 1.59 3.71
N CYS A 273 -2.90 2.59 3.62
CA CYS A 273 -1.60 2.44 2.98
C CYS A 273 -0.85 1.28 3.58
N GLU A 274 -0.73 1.29 4.90
CA GLU A 274 -0.03 0.23 5.60
C GLU A 274 -0.62 -1.12 5.23
N MET A 275 -1.95 -1.18 5.20
CA MET A 275 -2.65 -2.43 4.92
C MET A 275 -2.27 -2.95 3.53
N TYR A 276 -2.14 -2.04 2.58
CA TYR A 276 -1.70 -2.44 1.26
C TYR A 276 -0.24 -2.85 1.32
N ARG A 277 0.57 -2.07 2.05
CA ARG A 277 1.99 -2.33 2.16
C ARG A 277 2.28 -3.70 2.77
N ARG A 278 1.57 -4.03 3.84
CA ARG A 278 1.72 -5.32 4.50
C ARG A 278 1.29 -6.48 3.59
N SER A 279 0.51 -6.18 2.56
CA SER A 279 -0.09 -7.24 1.74
C SER A 279 0.86 -7.84 0.70
N ILE A 280 1.91 -7.10 0.35
CA ILE A 280 2.88 -7.59 -0.63
C ILE A 280 3.67 -8.76 -0.08
N PRO A 281 3.62 -9.92 -0.77
CA PRO A 281 4.24 -11.17 -0.33
C PRO A 281 5.77 -11.11 -0.26
N ARG A 282 6.36 -12.25 0.11
CA ARG A 282 7.80 -12.33 0.43
C ARG A 282 8.21 -11.29 1.46
N VAL B 1 -15.38 -18.49 -8.94
CA VAL B 1 -14.39 -19.40 -8.40
C VAL B 1 -13.93 -18.93 -7.03
N LEU B 2 -14.81 -19.03 -6.04
CA LEU B 2 -14.50 -18.65 -4.67
C LEU B 2 -14.99 -19.72 -3.70
N SER B 3 -14.10 -20.17 -2.83
CA SER B 3 -14.40 -21.27 -1.92
C SER B 3 -15.51 -20.96 -0.93
N GLN B 4 -16.22 -21.99 -0.52
CA GLN B 4 -17.14 -21.88 0.61
C GLN B 4 -16.34 -21.59 1.86
N ILE B 5 -16.92 -20.82 2.77
CA ILE B 5 -16.23 -20.51 4.01
C ILE B 5 -16.97 -21.10 5.21
N ALA B 6 -16.28 -22.01 5.90
CA ALA B 6 -16.83 -22.69 7.06
C ALA B 6 -16.68 -21.84 8.31
N ILE B 7 -17.79 -21.27 8.76
CA ILE B 7 -17.79 -20.38 9.90
C ILE B 7 -18.49 -21.05 11.07
N CYS B 8 -17.86 -21.04 12.23
CA CYS B 8 -18.48 -21.53 13.45
C CYS B 8 -18.61 -20.39 14.45
N ILE B 9 -19.77 -20.22 15.04
CA ILE B 9 -20.02 -19.07 15.91
C ILE B 9 -20.60 -19.44 17.29
N TRP B 10 -19.90 -19.05 18.34
CA TRP B 10 -20.39 -19.17 19.70
C TRP B 10 -21.11 -17.88 20.11
N VAL B 11 -22.43 -17.95 20.06
CA VAL B 11 -23.31 -16.82 20.34
C VAL B 11 -24.49 -17.29 21.21
N GLU B 12 -24.88 -16.46 22.17
CA GLU B 12 -25.95 -16.82 23.09
C GLU B 12 -27.01 -15.71 23.18
N SER B 13 -26.75 -14.61 22.49
CA SER B 13 -27.75 -13.58 22.27
C SER B 13 -28.40 -13.79 20.92
N THR B 14 -29.73 -13.76 20.89
CA THR B 14 -30.46 -14.01 19.64
C THR B 14 -30.31 -12.87 18.65
N ALA B 15 -30.28 -11.64 19.17
CA ALA B 15 -30.11 -10.45 18.33
C ALA B 15 -28.78 -10.51 17.56
N ILE B 16 -27.71 -10.80 18.28
CA ILE B 16 -26.39 -10.95 17.69
C ILE B 16 -26.40 -12.07 16.64
N LEU B 17 -27.00 -13.20 16.99
CA LEU B 17 -27.10 -14.33 16.07
C LEU B 17 -27.77 -13.92 14.77
N GLN B 18 -28.92 -13.27 14.87
CA GLN B 18 -29.66 -12.87 13.67
C GLN B 18 -28.91 -11.82 12.86
N ASP B 19 -28.19 -10.93 13.54
CA ASP B 19 -27.31 -9.99 12.85
C ASP B 19 -26.30 -10.76 11.99
N CYS B 20 -25.65 -11.75 12.60
CA CYS B 20 -24.68 -12.59 11.89
C CYS B 20 -25.31 -13.36 10.73
N GLN B 21 -26.48 -13.95 10.96
CA GLN B 21 -27.16 -14.73 9.93
C GLN B 21 -27.54 -13.85 8.75
N ARG B 22 -27.96 -12.63 9.04
CA ARG B 22 -28.31 -11.69 7.98
C ARG B 22 -27.09 -11.27 7.18
N ALA B 23 -26.02 -10.88 7.88
CA ALA B 23 -24.81 -10.42 7.22
C ALA B 23 -24.18 -11.52 6.37
N LEU B 24 -24.20 -12.75 6.87
CA LEU B 24 -23.57 -13.87 6.18
C LEU B 24 -24.59 -14.68 5.38
N SER B 25 -25.56 -14.01 4.78
CA SER B 25 -26.65 -14.68 4.10
C SER B 25 -26.22 -15.30 2.78
N ALA B 26 -25.08 -14.85 2.25
CA ALA B 26 -24.57 -15.36 0.98
C ALA B 26 -24.30 -16.86 1.05
N ASP B 27 -24.54 -17.54 -0.07
CA ASP B 27 -24.40 -18.99 -0.15
C ASP B 27 -22.99 -19.47 0.19
N ARG B 28 -22.02 -18.56 0.04
CA ARG B 28 -20.62 -18.88 0.26
C ARG B 28 -20.35 -19.28 1.71
N TYR B 29 -21.18 -18.78 2.62
CA TYR B 29 -20.94 -18.98 4.05
C TYR B 29 -21.73 -20.13 4.63
N GLN B 30 -21.04 -21.05 5.29
CA GLN B 30 -21.69 -22.17 5.96
C GLN B 30 -21.57 -22.02 7.48
N LEU B 31 -22.70 -21.78 8.13
CA LEU B 31 -22.69 -21.39 9.54
C LEU B 31 -23.05 -22.52 10.51
N GLN B 32 -22.17 -22.72 11.48
CA GLN B 32 -22.41 -23.64 12.59
C GLN B 32 -22.70 -22.82 13.82
N VAL B 33 -23.85 -23.03 14.44
CA VAL B 33 -24.20 -22.27 15.64
C VAL B 33 -23.96 -23.08 16.90
N CYS B 34 -23.12 -22.55 17.78
CA CYS B 34 -22.86 -23.16 19.08
C CYS B 34 -23.42 -22.24 20.17
N GLU B 35 -24.24 -22.80 21.06
CA GLU B 35 -24.99 -21.99 22.01
C GLU B 35 -24.47 -22.08 23.44
N SER B 36 -23.40 -22.85 23.63
CA SER B 36 -22.73 -22.92 24.93
C SER B 36 -21.26 -23.24 24.74
N GLY B 37 -20.45 -22.87 25.73
CA GLY B 37 -19.02 -23.07 25.65
C GLY B 37 -18.65 -24.52 25.52
N GLU B 38 -19.35 -25.37 26.27
CA GLU B 38 -19.10 -26.80 26.23
C GLU B 38 -19.47 -27.40 24.88
N MET B 39 -20.54 -26.88 24.28
CA MET B 39 -20.98 -27.33 22.97
C MET B 39 -20.01 -26.88 21.89
N LEU B 40 -19.49 -25.67 22.05
CA LEU B 40 -18.47 -25.15 21.15
C LEU B 40 -17.23 -26.02 21.22
N LEU B 41 -16.81 -26.36 22.43
CA LEU B 41 -15.64 -27.23 22.63
C LEU B 41 -15.88 -28.59 21.98
N GLU B 42 -17.08 -29.12 22.16
CA GLU B 42 -17.43 -30.44 21.63
C GLU B 42 -17.41 -30.44 20.11
N TYR B 43 -17.82 -29.33 19.50
CA TYR B 43 -17.79 -29.23 18.05
C TYR B 43 -16.37 -29.07 17.54
N ALA B 44 -15.62 -28.17 18.17
CA ALA B 44 -14.28 -27.81 17.73
C ALA B 44 -13.31 -28.99 17.71
N GLN B 45 -13.28 -29.74 18.81
CA GLN B 45 -12.32 -30.84 18.94
C GLN B 45 -12.75 -32.08 18.17
N THR B 46 -13.92 -32.02 17.54
CA THR B 46 -14.40 -33.11 16.69
C THR B 46 -14.50 -32.65 15.23
N HIS B 47 -14.40 -31.35 15.02
CA HIS B 47 -14.37 -30.76 13.68
C HIS B 47 -13.17 -29.84 13.54
N ARG B 48 -12.02 -30.30 13.99
CA ARG B 48 -10.81 -29.48 14.05
C ARG B 48 -10.37 -28.96 12.68
N ASP B 49 -10.63 -29.74 11.64
CA ASP B 49 -10.19 -29.38 10.30
C ASP B 49 -11.33 -28.89 9.42
N GLN B 50 -12.44 -28.48 10.03
CA GLN B 50 -13.61 -28.05 9.28
C GLN B 50 -14.11 -26.67 9.71
N ILE B 51 -13.22 -25.87 10.30
CA ILE B 51 -13.58 -24.53 10.74
C ILE B 51 -12.63 -23.50 10.15
N ASP B 52 -13.14 -22.69 9.24
CA ASP B 52 -12.34 -21.65 8.59
C ASP B 52 -12.24 -20.41 9.46
N CYS B 53 -13.35 -20.05 10.11
CA CYS B 53 -13.38 -18.87 10.96
C CYS B 53 -14.33 -19.01 12.15
N LEU B 54 -13.83 -18.70 13.33
CA LEU B 54 -14.63 -18.66 14.54
C LEU B 54 -15.16 -17.24 14.78
N ILE B 55 -16.41 -17.15 15.21
CA ILE B 55 -16.97 -15.88 15.65
C ILE B 55 -17.42 -16.10 17.09
N LEU B 56 -16.77 -15.42 18.03
CA LEU B 56 -16.95 -15.73 19.44
C LEU B 56 -17.43 -14.51 20.24
N VAL B 57 -18.55 -14.65 20.94
CA VAL B 57 -18.96 -13.56 21.82
C VAL B 57 -18.18 -13.60 23.14
N ALA B 58 -17.41 -12.54 23.40
CA ALA B 58 -16.51 -12.48 24.54
C ALA B 58 -17.21 -12.53 25.90
N ALA B 59 -18.47 -12.08 25.93
CA ALA B 59 -19.21 -11.97 27.19
C ALA B 59 -19.83 -13.30 27.62
N ASN B 60 -19.77 -14.29 26.75
CA ASN B 60 -20.35 -15.60 27.04
C ASN B 60 -19.75 -16.27 28.28
N PRO B 61 -20.59 -17.00 29.04
CA PRO B 61 -20.18 -17.72 30.25
C PRO B 61 -18.91 -18.56 30.05
N SER B 62 -17.95 -18.38 30.95
CA SER B 62 -16.68 -19.12 30.93
C SER B 62 -15.89 -18.91 29.63
N PHE B 63 -15.86 -17.66 29.15
CA PHE B 63 -15.18 -17.35 27.89
C PHE B 63 -13.69 -17.69 27.91
N ARG B 64 -12.95 -17.09 28.85
CA ARG B 64 -11.51 -17.32 28.94
C ARG B 64 -11.17 -18.79 29.13
N ALA B 65 -12.02 -19.51 29.86
CA ALA B 65 -11.83 -20.92 30.10
C ALA B 65 -11.90 -21.71 28.79
N VAL B 66 -12.98 -21.46 28.05
CA VAL B 66 -13.23 -22.12 26.78
C VAL B 66 -12.13 -21.82 25.77
N VAL B 67 -11.77 -20.53 25.65
CA VAL B 67 -10.71 -20.10 24.75
C VAL B 67 -9.38 -20.74 25.11
N GLN B 68 -9.09 -20.81 26.41
CA GLN B 68 -7.85 -21.43 26.91
C GLN B 68 -7.81 -22.91 26.54
N GLN B 69 -8.92 -23.62 26.72
CA GLN B 69 -8.97 -25.02 26.35
C GLN B 69 -8.79 -25.21 24.85
N LEU B 70 -9.40 -24.32 24.07
CA LEU B 70 -9.22 -24.30 22.61
C LEU B 70 -7.74 -24.18 22.27
N CYS B 71 -7.06 -23.23 22.91
CA CYS B 71 -5.63 -23.01 22.67
C CYS B 71 -4.79 -24.21 23.08
N PHE B 72 -5.14 -24.83 24.20
CA PHE B 72 -4.42 -26.00 24.68
C PHE B 72 -4.58 -27.20 23.76
N GLU B 73 -5.77 -27.37 23.19
CA GLU B 73 -6.00 -28.50 22.30
C GLU B 73 -5.47 -28.26 20.89
N GLY B 74 -5.00 -27.04 20.63
CA GLY B 74 -4.43 -26.73 19.33
C GLY B 74 -5.45 -26.32 18.30
N VAL B 75 -6.62 -25.89 18.76
CA VAL B 75 -7.63 -25.33 17.87
C VAL B 75 -7.44 -23.82 17.79
N VAL B 76 -6.51 -23.40 16.94
CA VAL B 76 -6.26 -21.99 16.70
C VAL B 76 -6.56 -21.68 15.24
N VAL B 77 -7.73 -21.12 15.01
CA VAL B 77 -8.20 -20.82 13.67
C VAL B 77 -8.45 -19.32 13.57
N PRO B 78 -8.58 -18.77 12.34
CA PRO B 78 -8.96 -17.37 12.17
C PRO B 78 -10.18 -17.03 13.00
N ALA B 79 -10.24 -15.83 13.56
CA ALA B 79 -11.29 -15.50 14.52
C ALA B 79 -11.70 -14.03 14.57
N ILE B 80 -12.99 -13.84 14.83
CA ILE B 80 -13.58 -12.55 15.11
C ILE B 80 -14.19 -12.61 16.50
N VAL B 81 -13.68 -11.77 17.40
CA VAL B 81 -14.25 -11.65 18.74
C VAL B 81 -15.24 -10.50 18.77
N VAL B 82 -16.47 -10.81 19.14
CA VAL B 82 -17.53 -9.83 19.21
C VAL B 82 -17.66 -9.29 20.64
N GLY B 83 -17.53 -7.98 20.78
CA GLY B 83 -17.73 -7.33 22.06
C GLY B 83 -16.64 -7.58 23.09
N ASP B 84 -16.97 -7.32 24.35
CA ASP B 84 -16.05 -7.54 25.46
C ASP B 84 -16.78 -8.21 26.61
N ARG B 85 -16.14 -8.31 27.77
CA ARG B 85 -16.71 -9.03 28.91
C ARG B 85 -17.40 -8.07 29.88
N ASP B 86 -18.47 -8.54 30.53
CA ASP B 86 -19.30 -7.65 31.34
C ASP B 86 -18.59 -7.03 32.54
N SER B 87 -17.71 -6.08 32.23
CA SER B 87 -16.99 -5.28 33.20
C SER B 87 -16.30 -4.18 32.42
N GLU B 88 -15.85 -4.54 31.21
CA GLU B 88 -15.19 -3.61 30.33
C GLU B 88 -16.13 -3.20 29.20
N ASP B 89 -17.40 -2.96 29.54
CA ASP B 89 -18.43 -2.58 28.58
C ASP B 89 -18.60 -3.62 27.47
N PRO B 90 -19.54 -4.55 27.67
CA PRO B 90 -19.72 -5.75 26.83
C PRO B 90 -20.04 -5.47 25.36
N ASP B 91 -20.81 -4.43 25.09
CA ASP B 91 -21.25 -4.12 23.72
C ASP B 91 -20.12 -3.68 22.82
N GLU B 92 -19.09 -3.08 23.43
CA GLU B 92 -17.99 -2.47 22.69
C GLU B 92 -16.88 -3.47 22.37
N PRO B 93 -16.09 -3.18 21.33
CA PRO B 93 -14.97 -4.05 20.98
C PRO B 93 -13.92 -4.03 22.09
N ALA B 94 -13.19 -5.12 22.24
CA ALA B 94 -12.17 -5.20 23.29
C ALA B 94 -10.90 -4.48 22.89
N LYS B 95 -10.12 -4.06 23.88
CA LYS B 95 -8.90 -3.30 23.62
C LYS B 95 -7.64 -4.16 23.66
N GLU B 96 -7.80 -5.45 23.93
CA GLU B 96 -6.65 -6.35 23.97
C GLU B 96 -7.00 -7.77 23.52
N GLN B 97 -5.97 -8.53 23.18
CA GLN B 97 -6.14 -9.89 22.70
C GLN B 97 -6.80 -10.79 23.74
N LEU B 98 -7.73 -11.61 23.29
CA LEU B 98 -8.44 -12.54 24.18
C LEU B 98 -8.22 -13.99 23.76
N TYR B 99 -7.94 -14.18 22.47
CA TYR B 99 -7.81 -15.51 21.89
C TYR B 99 -6.44 -15.65 21.24
N HIS B 100 -6.19 -14.88 20.19
CA HIS B 100 -4.87 -14.90 19.55
C HIS B 100 -4.54 -13.61 18.80
N SER B 101 -3.29 -13.52 18.32
CA SER B 101 -2.74 -12.25 17.83
C SER B 101 -3.29 -11.79 16.48
N ALA B 102 -4.07 -12.64 15.82
CA ALA B 102 -4.60 -12.30 14.50
C ALA B 102 -6.11 -12.07 14.55
N GLU B 103 -6.67 -12.11 15.76
CA GLU B 103 -8.11 -11.95 15.94
C GLU B 103 -8.57 -10.55 15.59
N LEU B 104 -9.79 -10.44 15.08
CA LEU B 104 -10.41 -9.15 14.84
C LEU B 104 -11.33 -8.83 15.99
N HIS B 105 -11.55 -7.55 16.27
CA HIS B 105 -12.50 -7.17 17.31
C HIS B 105 -13.65 -6.35 16.74
N LEU B 106 -14.88 -6.80 17.01
CA LEU B 106 -16.06 -6.08 16.54
C LEU B 106 -17.03 -5.81 17.68
N GLY B 107 -17.57 -4.60 17.71
CA GLY B 107 -18.64 -4.28 18.66
C GLY B 107 -19.90 -4.95 18.17
N ILE B 108 -20.90 -5.07 19.03
CA ILE B 108 -22.12 -5.78 18.67
C ILE B 108 -22.92 -5.07 17.57
N HIS B 109 -22.58 -3.83 17.29
CA HIS B 109 -23.29 -3.06 16.28
C HIS B 109 -22.46 -2.85 15.00
N GLN B 110 -21.34 -3.54 14.90
CA GLN B 110 -20.48 -3.46 13.72
C GLN B 110 -20.50 -4.77 12.95
N LEU B 111 -21.69 -5.36 12.81
CA LEU B 111 -21.80 -6.70 12.25
C LEU B 111 -22.51 -6.76 10.90
N GLU B 112 -23.03 -5.63 10.42
CA GLU B 112 -23.80 -5.61 9.18
C GLU B 112 -22.97 -5.96 7.94
N GLN B 113 -21.67 -5.65 7.99
CA GLN B 113 -20.78 -5.91 6.87
C GLN B 113 -19.82 -7.05 7.18
N LEU B 114 -20.31 -8.03 7.92
CA LEU B 114 -19.51 -9.19 8.34
C LEU B 114 -18.70 -9.92 7.26
N PRO B 115 -19.23 -10.02 6.02
CA PRO B 115 -18.40 -10.62 4.96
C PRO B 115 -16.98 -10.05 4.84
N TYR B 116 -16.88 -8.72 4.87
CA TYR B 116 -15.60 -8.04 4.74
C TYR B 116 -14.70 -8.29 5.95
N GLN B 117 -15.30 -8.33 7.14
CA GLN B 117 -14.53 -8.58 8.35
C GLN B 117 -14.05 -10.02 8.42
N VAL B 118 -14.82 -10.93 7.84
CA VAL B 118 -14.43 -12.34 7.74
C VAL B 118 -13.25 -12.46 6.81
N ASP B 119 -13.34 -11.76 5.67
CA ASP B 119 -12.21 -11.64 4.76
C ASP B 119 -10.96 -11.19 5.53
N ALA B 120 -11.11 -10.14 6.33
CA ALA B 120 -10.00 -9.58 7.08
C ALA B 120 -9.41 -10.55 8.10
N ALA B 121 -10.27 -11.30 8.78
CA ALA B 121 -9.82 -12.27 9.77
C ALA B 121 -9.04 -13.39 9.11
N LEU B 122 -9.60 -13.96 8.04
CA LEU B 122 -8.95 -15.00 7.27
C LEU B 122 -7.58 -14.53 6.80
N ALA B 123 -7.55 -13.39 6.11
CA ALA B 123 -6.32 -12.84 5.55
C ALA B 123 -5.27 -12.57 6.62
N GLU B 124 -5.70 -12.00 7.74
CA GLU B 124 -4.75 -11.67 8.81
C GLU B 124 -4.16 -12.93 9.44
N PHE B 125 -5.00 -13.94 9.65
CA PHE B 125 -4.50 -15.22 10.14
C PHE B 125 -3.48 -15.81 9.16
N LEU B 126 -3.81 -15.76 7.87
CA LEU B 126 -2.92 -16.28 6.84
C LEU B 126 -1.59 -15.54 6.80
N ARG B 127 -1.63 -14.26 7.15
CA ARG B 127 -0.44 -13.43 7.14
C ARG B 127 0.44 -13.66 8.37
N LEU B 128 -0.19 -13.90 9.52
CA LEU B 128 0.57 -14.00 10.78
C LEU B 128 0.92 -15.41 11.27
N ALA B 129 0.33 -16.43 10.67
CA ALA B 129 0.60 -17.81 11.09
C ALA B 129 2.08 -18.16 10.95
N PRO B 130 2.67 -18.82 11.97
CA PRO B 130 2.06 -19.32 13.21
C PRO B 130 1.77 -18.19 14.20
N VAL B 131 0.57 -18.20 14.76
CA VAL B 131 0.07 -17.10 15.56
C VAL B 131 0.24 -17.28 17.07
N GLU B 132 0.70 -16.22 17.73
CA GLU B 132 0.83 -16.22 19.18
C GLU B 132 -0.54 -16.22 19.83
N THR B 133 -0.88 -17.34 20.47
CA THR B 133 -2.16 -17.44 21.16
C THR B 133 -2.05 -16.77 22.53
N MET B 134 -2.91 -15.80 22.78
CA MET B 134 -2.92 -15.13 24.07
C MET B 134 -3.79 -15.90 25.07
N ALA B 135 -3.56 -17.20 25.20
CA ALA B 135 -4.28 -18.04 26.13
C ALA B 135 -3.60 -19.42 26.32
N ASP B 136 -2.67 -19.74 25.43
CA ASP B 136 -1.87 -20.95 25.57
C ASP B 136 -0.69 -20.57 26.44
N HIS B 137 -0.15 -19.40 26.16
CA HIS B 137 0.85 -18.77 26.99
C HIS B 137 0.23 -17.53 27.55
N ILE B 138 0.32 -17.47 28.89
CA ILE B 138 1.06 -18.46 29.79
C ILE B 138 2.42 -17.87 29.90
N MET B 139 3.16 -18.02 31.02
CA MET B 139 4.43 -17.42 31.43
C MET B 139 5.49 -18.52 31.52
N LEU B 140 6.21 -18.73 30.42
CA LEU B 140 7.24 -19.77 30.39
C LEU B 140 8.44 -19.35 29.54
N MET B 141 8.45 -19.80 28.30
CA MET B 141 9.54 -19.53 27.37
C MET B 141 10.78 -20.35 27.71
N GLY B 142 11.22 -21.19 26.79
CA GLY B 142 10.61 -21.34 25.48
C GLY B 142 11.31 -20.51 24.42
N ALA B 143 10.92 -20.69 23.17
CA ALA B 143 11.52 -19.95 22.07
C ALA B 143 10.47 -19.53 21.04
N ASN B 144 9.27 -19.22 21.52
CA ASN B 144 8.98 -19.28 22.95
C ASN B 144 7.54 -19.74 23.10
N HIS B 145 7.13 -20.55 22.13
CA HIS B 145 5.76 -21.00 22.01
C HIS B 145 5.72 -22.50 22.12
N ASP B 146 5.25 -23.16 21.07
CA ASP B 146 5.25 -24.61 20.98
C ASP B 146 4.25 -25.30 21.91
N PRO B 147 4.07 -26.64 21.78
CA PRO B 147 4.66 -27.74 20.99
C PRO B 147 5.04 -27.38 19.54
N GLU B 148 6.29 -27.67 19.16
CA GLU B 148 6.80 -27.39 17.81
C GLU B 148 5.91 -28.04 16.78
N LEU B 149 5.19 -29.05 17.27
CA LEU B 149 4.16 -29.77 16.54
C LEU B 149 2.82 -29.03 16.57
N SER B 150 2.66 -28.07 17.48
CA SER B 150 1.42 -27.29 17.52
C SER B 150 1.41 -26.22 16.43
N SER B 151 2.42 -26.26 15.56
CA SER B 151 2.45 -25.37 14.41
C SER B 151 1.76 -26.01 13.22
N GLN B 152 0.78 -26.86 13.52
CA GLN B 152 -0.17 -27.32 12.52
C GLN B 152 -0.97 -26.11 12.03
N GLN B 153 -0.86 -25.01 12.78
CA GLN B 153 -1.26 -23.69 12.30
C GLN B 153 -0.78 -23.55 10.86
N ARG B 154 0.53 -23.72 10.65
CA ARG B 154 1.11 -23.68 9.31
C ARG B 154 0.25 -24.48 8.35
N ASP B 155 0.06 -25.76 8.67
CA ASP B 155 -0.76 -26.63 7.82
C ASP B 155 -2.13 -26.03 7.54
N LEU B 156 -2.85 -25.63 8.59
CA LEU B 156 -4.15 -24.97 8.44
C LEU B 156 -4.02 -23.85 7.41
N ALA B 157 -3.08 -22.94 7.67
CA ALA B 157 -2.82 -21.81 6.79
C ALA B 157 -2.68 -22.32 5.36
N GLN B 158 -1.79 -23.28 5.17
CA GLN B 158 -1.52 -23.81 3.84
C GLN B 158 -2.82 -24.24 3.18
N ARG B 159 -3.59 -25.07 3.90
CA ARG B 159 -4.87 -25.56 3.40
C ARG B 159 -5.70 -24.36 2.96
N LEU B 160 -5.87 -23.42 3.88
CA LEU B 160 -6.65 -22.23 3.61
C LEU B 160 -6.19 -21.51 2.36
N GLN B 161 -4.89 -21.39 2.17
CA GLN B 161 -4.36 -20.63 1.03
C GLN B 161 -4.69 -21.25 -0.31
N GLU B 162 -4.92 -22.56 -0.34
CA GLU B 162 -5.29 -23.21 -1.59
C GLU B 162 -6.68 -22.74 -2.01
N ARG B 163 -7.53 -22.43 -1.03
CA ARG B 163 -8.91 -22.06 -1.29
C ARG B 163 -9.17 -20.56 -1.32
N LEU B 164 -8.34 -19.79 -0.61
CA LEU B 164 -8.58 -18.36 -0.43
C LEU B 164 -7.46 -17.49 -0.98
N GLY B 165 -6.45 -18.12 -1.57
CA GLY B 165 -5.33 -17.39 -2.13
C GLY B 165 -5.24 -17.49 -3.63
N TYR B 166 -4.42 -16.64 -4.23
CA TYR B 166 -4.16 -16.70 -5.66
C TYR B 166 -2.76 -16.17 -5.98
N LEU B 167 -2.09 -16.82 -6.92
CA LEU B 167 -0.76 -16.40 -7.32
C LEU B 167 -0.83 -15.22 -8.28
N GLY B 168 0.20 -14.38 -8.25
CA GLY B 168 0.28 -13.21 -9.11
C GLY B 168 1.71 -12.69 -9.13
N VAL B 169 2.06 -11.92 -10.16
CA VAL B 169 3.42 -11.44 -10.33
C VAL B 169 3.66 -10.11 -9.62
N TYR B 170 4.79 -10.00 -8.91
CA TYR B 170 5.18 -8.74 -8.32
C TYR B 170 6.61 -8.38 -8.69
N TYR B 171 6.90 -7.09 -8.73
CA TYR B 171 8.25 -6.62 -9.03
C TYR B 171 9.21 -7.02 -7.91
N LYS B 172 10.34 -7.61 -8.29
CA LYS B 172 11.35 -8.02 -7.33
C LYS B 172 12.08 -6.83 -6.74
N ARG B 173 11.48 -6.19 -5.73
CA ARG B 173 12.18 -5.15 -4.99
C ARG B 173 13.37 -5.79 -4.27
N ASP B 174 14.52 -5.14 -4.34
CA ASP B 174 15.73 -5.66 -3.70
C ASP B 174 15.66 -5.46 -2.19
N PRO B 175 15.55 -6.56 -1.43
CA PRO B 175 15.38 -6.47 0.02
C PRO B 175 16.61 -5.89 0.73
N ASP B 176 17.77 -5.92 0.07
CA ASP B 176 18.98 -5.34 0.63
C ASP B 176 18.90 -3.81 0.68
N ARG B 177 18.04 -3.24 -0.16
CA ARG B 177 17.88 -1.79 -0.20
C ARG B 177 16.63 -1.32 0.54
N PHE B 178 15.95 -2.25 1.19
CA PHE B 178 14.85 -1.89 2.10
C PHE B 178 15.44 -1.09 3.25
N LEU B 179 14.67 -0.14 3.77
CA LEU B 179 15.13 0.70 4.86
C LEU B 179 15.60 -0.14 6.06
N ARG B 180 14.83 -1.16 6.38
CA ARG B 180 15.10 -1.98 7.57
C ARG B 180 16.37 -2.81 7.45
N ASN B 181 16.90 -2.94 6.23
CA ASN B 181 18.09 -3.74 5.98
C ASN B 181 19.34 -2.90 5.69
N LEU B 182 19.19 -1.59 5.74
CA LEU B 182 20.32 -0.69 5.46
C LEU B 182 21.21 -0.49 6.67
N PRO B 183 22.54 -0.54 6.45
CA PRO B 183 23.51 -0.16 7.48
C PRO B 183 23.37 1.32 7.80
N ALA B 184 24.00 1.78 8.90
CA ALA B 184 23.82 3.16 9.37
C ALA B 184 24.04 4.23 8.30
N TYR B 185 25.16 4.13 7.59
CA TYR B 185 25.52 5.12 6.57
C TYR B 185 24.45 5.24 5.49
N GLU B 186 24.11 4.11 4.89
CA GLU B 186 23.06 4.04 3.88
C GLU B 186 21.73 4.55 4.43
N SER B 187 21.39 4.12 5.65
CA SER B 187 20.16 4.53 6.31
C SER B 187 20.07 6.06 6.38
N GLN B 188 21.13 6.68 6.91
CA GLN B 188 21.24 8.13 6.99
C GLN B 188 21.11 8.77 5.61
N LYS B 189 21.76 8.17 4.62
CA LYS B 189 21.73 8.70 3.25
C LYS B 189 20.33 8.73 2.65
N LEU B 190 19.62 7.62 2.76
CA LEU B 190 18.24 7.53 2.28
C LEU B 190 17.37 8.53 3.03
N HIS B 191 17.60 8.64 4.34
CA HIS B 191 16.87 9.59 5.15
C HIS B 191 17.01 11.01 4.58
N GLN B 192 18.26 11.42 4.35
CA GLN B 192 18.52 12.76 3.82
C GLN B 192 17.96 12.99 2.41
N ALA B 193 18.07 11.97 1.56
CA ALA B 193 17.53 12.07 0.20
C ALA B 193 16.02 12.27 0.23
N MET B 194 15.35 11.50 1.07
CA MET B 194 13.89 11.57 1.20
C MET B 194 13.45 12.91 1.79
N GLN B 195 14.27 13.44 2.71
CA GLN B 195 14.02 14.77 3.24
C GLN B 195 14.12 15.82 2.15
N THR B 196 15.17 15.73 1.33
CA THR B 196 15.38 16.69 0.24
C THR B 196 14.22 16.67 -0.76
N SER B 197 13.85 15.47 -1.20
CA SER B 197 12.71 15.27 -2.09
C SER B 197 11.42 15.86 -1.52
N TYR B 198 11.12 15.49 -0.27
CA TYR B 198 9.91 16.00 0.38
C TYR B 198 9.93 17.51 0.50
N ARG B 199 11.12 18.08 0.72
CA ARG B 199 11.26 19.53 0.78
C ARG B 199 10.92 20.14 -0.57
N GLU B 200 11.35 19.49 -1.65
CA GLU B 200 10.94 19.96 -2.98
C GLU B 200 9.41 19.95 -3.10
N ILE B 201 8.80 18.84 -2.69
CA ILE B 201 7.33 18.73 -2.71
C ILE B 201 6.66 19.89 -1.96
N VAL B 202 7.11 20.14 -0.73
CA VAL B 202 6.53 21.19 0.10
C VAL B 202 6.72 22.58 -0.50
N LEU B 203 7.96 22.89 -0.90
CA LEU B 203 8.29 24.18 -1.49
C LEU B 203 7.42 24.47 -2.70
N SER B 204 7.17 23.46 -3.54
CA SER B 204 6.41 23.71 -4.75
C SER B 204 4.92 23.38 -4.65
N TYR B 205 4.47 22.90 -3.49
CA TYR B 205 3.10 22.39 -3.38
C TYR B 205 2.01 23.43 -3.64
N PHE B 206 2.19 24.63 -3.09
CA PHE B 206 1.22 25.70 -3.22
C PHE B 206 1.60 26.68 -4.34
N SER B 207 2.64 26.35 -5.09
CA SER B 207 3.07 27.17 -6.22
C SER B 207 2.38 26.73 -7.50
N PRO B 208 1.91 27.69 -8.30
CA PRO B 208 1.24 27.36 -9.57
C PRO B 208 2.22 26.87 -10.62
N ASN B 209 1.75 26.01 -11.53
CA ASN B 209 2.55 25.49 -12.65
C ASN B 209 3.74 24.60 -12.28
N SER B 210 4.06 24.54 -10.98
CA SER B 210 5.10 23.63 -10.51
C SER B 210 4.67 22.20 -10.80
N ASN B 211 5.58 21.40 -11.36
CA ASN B 211 5.26 20.01 -11.66
C ASN B 211 5.16 19.18 -10.39
N LEU B 212 4.06 19.34 -9.67
CA LEU B 212 3.85 18.69 -8.39
C LEU B 212 3.88 17.17 -8.48
N ASN B 213 3.16 16.65 -9.47
CA ASN B 213 3.08 15.20 -9.69
C ASN B 213 4.45 14.54 -9.82
N GLN B 214 5.39 15.24 -10.45
CA GLN B 214 6.73 14.70 -10.65
C GLN B 214 7.53 14.62 -9.35
N SER B 215 7.52 15.71 -8.56
CA SER B 215 8.23 15.72 -7.28
C SER B 215 7.66 14.66 -6.34
N ILE B 216 6.34 14.66 -6.23
CA ILE B 216 5.63 13.65 -5.44
C ILE B 216 5.99 12.24 -5.90
N ASP B 217 6.01 12.01 -7.21
CA ASP B 217 6.42 10.72 -7.76
C ASP B 217 7.84 10.37 -7.31
N ASN B 218 8.73 11.35 -7.38
CA ASN B 218 10.11 11.15 -6.97
C ASN B 218 10.20 10.66 -5.52
N PHE B 219 9.48 11.31 -4.61
CA PHE B 219 9.47 10.87 -3.23
C PHE B 219 8.87 9.46 -3.08
N VAL B 220 7.69 9.27 -3.66
CA VAL B 220 6.93 8.03 -3.49
C VAL B 220 7.68 6.81 -4.03
N ASN B 221 8.49 7.00 -5.07
CA ASN B 221 9.31 5.91 -5.58
C ASN B 221 10.27 5.37 -4.54
N MET B 222 10.95 6.30 -3.86
CA MET B 222 11.86 5.94 -2.79
C MET B 222 11.12 5.27 -1.64
N ALA B 223 9.97 5.84 -1.27
CA ALA B 223 9.17 5.26 -0.19
C ALA B 223 8.74 3.81 -0.49
N PHE B 224 8.33 3.57 -1.73
CA PHE B 224 7.82 2.27 -2.15
C PHE B 224 8.92 1.22 -2.31
N PHE B 225 9.99 1.57 -3.03
CA PHE B 225 11.01 0.58 -3.34
C PHE B 225 12.00 0.33 -2.20
N ALA B 226 12.05 1.25 -1.24
CA ALA B 226 12.84 1.03 -0.04
C ALA B 226 11.95 0.43 1.04
N ASP B 227 10.70 0.17 0.68
CA ASP B 227 9.70 -0.41 1.58
C ASP B 227 9.63 0.31 2.92
N VAL B 228 9.42 1.61 2.84
CA VAL B 228 9.39 2.46 4.03
C VAL B 228 8.02 2.44 4.69
N PRO B 229 7.98 2.14 5.99
CA PRO B 229 6.74 2.20 6.78
C PRO B 229 6.14 3.60 6.68
N VAL B 230 4.83 3.71 6.59
CA VAL B 230 4.16 5.00 6.41
C VAL B 230 4.52 6.01 7.50
N THR B 231 4.74 5.50 8.70
CA THR B 231 5.13 6.32 9.84
C THR B 231 6.41 7.11 9.57
N LYS B 232 7.33 6.55 8.79
CA LYS B 232 8.57 7.24 8.49
C LYS B 232 8.32 8.41 7.53
N VAL B 233 7.35 8.24 6.64
CA VAL B 233 6.90 9.32 5.76
C VAL B 233 6.38 10.47 6.61
N VAL B 234 5.48 10.12 7.54
CA VAL B 234 4.98 11.11 8.50
C VAL B 234 6.13 11.82 9.24
N GLU B 235 7.08 11.02 9.69
CA GLU B 235 8.26 11.50 10.41
C GLU B 235 9.01 12.54 9.60
N ILE B 236 9.27 12.23 8.33
CA ILE B 236 9.94 13.16 7.43
C ILE B 236 9.15 14.46 7.30
N HIS B 237 7.84 14.34 7.08
CA HIS B 237 6.97 15.52 7.01
C HIS B 237 7.19 16.43 8.21
N MET B 238 7.26 15.83 9.40
CA MET B 238 7.42 16.64 10.61
C MET B 238 8.80 17.22 10.84
N GLU B 239 9.82 16.48 10.45
CA GLU B 239 11.17 17.00 10.48
C GLU B 239 11.24 18.25 9.63
N LEU B 240 10.66 18.17 8.42
CA LEU B 240 10.61 19.33 7.55
C LEU B 240 9.81 20.49 8.17
N MET B 241 8.66 20.17 8.76
CA MET B 241 7.87 21.19 9.44
C MET B 241 8.67 21.87 10.56
N ASP B 242 9.58 21.14 11.17
CA ASP B 242 10.44 21.71 12.20
C ASP B 242 11.47 22.66 11.58
N GLU B 243 12.15 22.21 10.53
CA GLU B 243 13.08 23.03 9.78
C GLU B 243 12.46 24.39 9.41
N PHE B 244 11.28 24.30 8.81
CA PHE B 244 10.54 25.49 8.40
C PHE B 244 10.08 26.34 9.58
N ALA B 245 9.65 25.70 10.66
CA ALA B 245 9.24 26.42 11.86
C ALA B 245 10.38 27.24 12.44
N LYS B 246 11.57 26.66 12.45
CA LYS B 246 12.76 27.39 12.92
C LYS B 246 13.07 28.55 11.97
N LYS B 247 13.02 28.28 10.68
CA LYS B 247 13.27 29.36 9.70
C LYS B 247 12.27 30.51 9.83
N LEU B 248 11.02 30.19 10.16
CA LEU B 248 9.96 31.18 10.28
C LEU B 248 10.08 31.96 11.58
N ARG B 249 10.43 31.26 12.65
CA ARG B 249 10.69 31.88 13.94
C ARG B 249 11.79 32.91 13.80
N VAL B 250 12.95 32.47 13.34
CA VAL B 250 14.11 33.34 13.18
C VAL B 250 13.77 34.58 12.33
N GLU B 251 12.99 34.37 11.28
CA GLU B 251 12.59 35.45 10.39
C GLU B 251 11.33 36.18 10.87
N GLY B 252 10.86 35.82 12.06
CA GLY B 252 9.78 36.53 12.72
C GLY B 252 8.41 36.33 12.10
N ARG B 253 8.25 35.26 11.34
CA ARG B 253 7.00 34.95 10.66
C ARG B 253 6.19 33.97 11.51
N SER B 254 4.87 33.94 11.29
CA SER B 254 4.00 33.01 12.02
C SER B 254 4.13 31.60 11.45
N GLU B 255 4.22 30.60 12.31
CA GLU B 255 4.37 29.22 11.86
C GLU B 255 3.02 28.56 11.60
N ASP B 256 1.94 29.28 11.87
CA ASP B 256 0.59 28.77 11.65
C ASP B 256 0.39 28.26 10.22
N ILE B 257 0.98 28.94 9.25
CA ILE B 257 0.92 28.53 7.85
C ILE B 257 1.31 27.07 7.64
N LEU B 258 2.16 26.55 8.50
CA LEU B 258 2.61 25.16 8.40
C LEU B 258 1.43 24.17 8.40
N LEU B 259 0.34 24.53 9.08
CA LEU B 259 -0.85 23.69 9.10
C LEU B 259 -1.35 23.35 7.69
N ASP B 260 -1.20 24.30 6.77
CA ASP B 260 -1.62 24.09 5.39
C ASP B 260 -0.95 22.88 4.76
N TYR B 261 0.30 22.63 5.12
CA TYR B 261 1.03 21.50 4.55
C TYR B 261 0.52 20.14 5.00
N ARG B 262 -0.45 20.13 5.91
CA ARG B 262 -1.17 18.90 6.19
C ARG B 262 -1.78 18.37 4.88
N LEU B 263 -2.29 19.29 4.07
CA LEU B 263 -2.80 18.94 2.73
C LEU B 263 -1.75 18.26 1.88
N THR B 264 -0.49 18.69 2.02
CA THR B 264 0.59 18.05 1.29
C THR B 264 0.71 16.60 1.76
N LEU B 265 0.73 16.41 3.08
CA LEU B 265 0.92 15.07 3.66
C LEU B 265 -0.08 14.07 3.12
N ILE B 266 -1.37 14.35 3.35
CA ILE B 266 -2.46 13.62 2.72
C ILE B 266 -2.06 13.23 1.30
N ASP B 267 -1.80 14.25 0.48
CA ASP B 267 -1.52 14.04 -0.93
C ASP B 267 -0.48 12.95 -1.07
N VAL B 268 0.68 13.18 -0.45
CA VAL B 268 1.78 12.24 -0.57
C VAL B 268 1.33 10.85 -0.18
N ILE B 269 0.76 10.71 1.01
CA ILE B 269 0.35 9.39 1.48
C ILE B 269 -0.63 8.77 0.50
N ALA B 270 -1.58 9.58 0.02
CA ALA B 270 -2.53 9.13 -0.99
C ALA B 270 -1.78 8.45 -2.12
N HIS B 271 -0.84 9.19 -2.71
CA HIS B 271 -0.07 8.68 -3.82
C HIS B 271 0.55 7.34 -3.46
N LEU B 272 1.24 7.30 -2.31
CA LEU B 272 1.91 6.07 -1.89
C LEU B 272 0.90 4.94 -1.86
N CYS B 273 -0.25 5.20 -1.25
CA CYS B 273 -1.29 4.19 -1.14
C CYS B 273 -1.62 3.64 -2.51
N GLU B 274 -1.90 4.55 -3.45
CA GLU B 274 -2.35 4.13 -4.77
C GLU B 274 -1.26 3.38 -5.51
N MET B 275 -0.01 3.59 -5.13
CA MET B 275 1.08 2.87 -5.76
C MET B 275 1.06 1.41 -5.31
N TYR B 276 0.79 1.20 -4.03
CA TYR B 276 0.69 -0.16 -3.51
C TYR B 276 -0.56 -0.84 -4.09
N ARG B 277 -1.70 -0.19 -3.94
CA ARG B 277 -2.99 -0.69 -4.40
C ARG B 277 -3.01 -1.17 -5.85
N ARG B 278 -2.60 -0.30 -6.76
CA ARG B 278 -2.61 -0.64 -8.19
C ARG B 278 -1.57 -1.71 -8.53
N SER B 279 -0.70 -2.04 -7.58
CA SER B 279 0.33 -3.04 -7.81
C SER B 279 -0.17 -4.46 -7.55
N ILE B 280 -1.32 -4.57 -6.90
CA ILE B 280 -1.91 -5.87 -6.61
C ILE B 280 -2.37 -6.53 -7.91
N PRO B 281 -1.80 -7.71 -8.22
CA PRO B 281 -2.06 -8.43 -9.46
C PRO B 281 -3.53 -8.83 -9.61
N ARG B 282 -3.94 -9.09 -10.85
CA ARG B 282 -5.30 -9.51 -11.15
C ARG B 282 -6.34 -8.49 -10.67
CAA BNT C . 16.07 19.84 -33.27
CAD BNT C . 14.97 19.89 -32.26
CAC BNT C . 14.22 18.61 -32.20
CAE BNT C . 15.51 20.33 -30.93
CAF BNT C . 15.06 21.67 -30.44
OAB BNT C . 14.31 22.32 -31.13
CAG BNT C . 15.54 22.19 -29.14
BRAH BNT C . 14.92 23.93 -28.55
CAL BNT C . 16.39 21.44 -28.39
CAM BNT C . 16.88 21.97 -27.08
CAK BNT C . 16.85 20.11 -28.87
OAN BNT C . 17.61 19.43 -28.19
CAJ BNT C . 16.36 19.57 -30.18
BRAI BNT C . 16.97 17.83 -30.79
OH4 1PE D . 24.73 12.71 -6.76
C14 1PE D . 25.68 10.48 -7.09
C24 1PE D . 25.26 11.58 -6.17
OH5 1PE D . 25.25 9.21 -6.78
C15 1PE D . 24.84 8.00 -4.68
C25 1PE D . 25.78 8.58 -5.68
OH6 1PE D . 24.77 6.63 -4.54
C16 1PE D . 23.29 4.66 -4.63
C26 1PE D . 23.53 6.09 -4.29
OH7 1PE D . 23.95 3.69 -3.90
O1 2PE E . 28.21 11.57 -1.94
C2 2PE E . 28.35 10.20 -1.88
C3 2PE E . 27.15 9.37 -2.19
O4 2PE E . 27.00 8.18 -1.51
C5 2PE E . 27.66 7.06 -1.97
C6 2PE E . 27.99 6.00 -0.98
O7 2PE E . 28.70 4.91 -1.44
C8 2PE E . 29.36 4.11 -0.52
C9 2PE E . 30.59 4.67 0.11
O10 2PE E . 30.70 4.57 1.48
C11 2PE E . 31.82 5.07 2.11
C12 2PE E . 31.67 5.47 3.54
CAA BNT F . -10.98 2.11 -10.38
CAD BNT F . -11.54 2.98 -9.32
CAC BNT F . -11.68 2.23 -8.03
CAE BNT F . -10.72 4.22 -9.12
CAF BNT F . -9.22 4.19 -9.04
OAB BNT F . -8.60 3.14 -9.15
CAG BNT F . -8.47 5.46 -8.83
BRAH BNT F . -6.54 5.44 -8.74
CAL BNT F . -9.14 6.64 -8.70
CAM BNT F . -8.37 7.90 -8.50
CAK BNT F . -10.63 6.67 -8.78
OAN BNT F . -11.23 7.73 -8.66
CAJ BNT F . -11.38 5.40 -8.99
BRAI BNT F . -13.32 5.44 -9.08
CAA BNT G . 20.14 3.18 -1.04
CAD BNT G . 21.13 3.57 0.00
CAC BNT G . 20.46 3.75 1.31
CAE BNT G . 21.79 4.82 -0.43
CAF BNT G . 21.06 6.11 -0.49
OAB BNT G . 19.87 6.17 -0.18
CAG BNT G . 21.75 7.35 -0.94
BRAH BNT G . 20.75 9.01 -0.99
CAL BNT G . 23.06 7.31 -1.30
CAM BNT G . 23.75 8.57 -1.74
CAK BNT G . 23.81 6.03 -1.24
OAN BNT G . 24.98 5.98 -1.56
CAJ BNT G . 23.11 4.78 -0.80
BRAI BNT G . 24.11 3.13 -0.76
CAA BNT H . -18.47 -13.04 33.26
CAD BNT H . -18.59 -14.47 32.89
CAC BNT H . -19.50 -14.66 31.73
CAE BNT H . -17.25 -15.08 32.63
CAF BNT H . -16.84 -16.22 33.49
OAB BNT H . -17.57 -16.62 34.39
CAG BNT H . -15.52 -16.88 33.29
BRAH BNT H . -15.00 -18.36 34.44
CAL BNT H . -14.69 -16.44 32.30
CAM BNT H . -13.37 -17.12 32.12
CAK BNT H . -15.09 -15.31 31.43
OAN BNT H . -14.35 -14.91 30.55
CAJ BNT H . -16.42 -14.64 31.63
BRAI BNT H . -16.89 -13.17 30.46
C1 GOL I . 6.77 6.21 -11.90
O1 GOL I . 7.59 7.35 -11.84
C2 GOL I . 6.25 5.92 -10.49
O2 GOL I . 6.54 4.58 -10.16
C3 GOL I . 4.74 6.15 -10.46
O3 GOL I . 4.31 6.20 -9.12
C1 GOL J . 5.26 0.51 -9.77
O1 GOL J . 5.10 1.25 -10.96
C2 GOL J . 4.19 -0.56 -9.67
O2 GOL J . 4.76 -1.78 -9.26
C3 GOL J . 3.14 -0.13 -8.66
O3 GOL J . 2.17 0.66 -9.30
#